data_5TC6
#
_entry.id   5TC6
#
_cell.length_a   122.760
_cell.length_b   122.760
_cell.length_c   44.484
_cell.angle_alpha   90.000
_cell.angle_beta   90.000
_cell.angle_gamma   120.000
#
_symmetry.space_group_name_H-M   'P 3 2 1'
#
loop_
_entity.id
_entity.type
_entity.pdbx_description
1 polymer "S-methyl-5'-thioadenosine phosphorylase"
2 non-polymer (2S,3S,4R,5S)-2-(4-amino-5H-pyrrolo[3,2-d]pyrimidin-7-yl)-5-[(propylsulfanyl)methyl]pyrrolidine-3,4-diol
3 non-polymer 'PHOSPHATE ION'
4 non-polymer GLYCEROL
5 non-polymer 'SODIUM ION'
6 non-polymer 'CHLORIDE ION'
7 water water
#
_entity_poly.entity_id   1
_entity_poly.type   'polypeptide(L)'
_entity_poly.pdbx_seq_one_letter_code
;MHHHHHHENLYFQSMASGTTTTAVKIGIIGGTGLDDPEILEGRTEKYVDTPFGKPSDALILGKIKNVDCVLLARHGRQHT
IMPSKVNYQANIWALKEEGCTHVIVTTACGSLREEIQPGDIVIIDQFIDRTTMRPQSFYDGSHSCARGVCHIPMAEPFCP
KTREVLIETAKKLGLRCHSKGTMVTIEGPRFSSRAESFMFRTWGADVINMTTVPEVVLAKEAGICYASIAMATDYDCWKE
HEEAVSVDRVLKTLKENANKAKSLLLTTIPQIGSTEWSETLHNLKNMAQFSVLLPRH
;
_entity_poly.pdbx_strand_id   A
#
loop_
_chem_comp.id
_chem_comp.type
_chem_comp.name
_chem_comp.formula
7A6 non-polymer (2S,3S,4R,5S)-2-(4-amino-5H-pyrrolo[3,2-d]pyrimidin-7-yl)-5-[(propylsulfanyl)methyl]pyrrolidine-3,4-diol 'C14 H21 N5 O2 S'
CL non-polymer 'CHLORIDE ION' 'Cl -1'
GOL non-polymer GLYCEROL 'C3 H8 O3'
NA non-polymer 'SODIUM ION' 'Na 1'
PO4 non-polymer 'PHOSPHATE ION' 'O4 P -3'
#
# COMPACT_ATOMS: atom_id res chain seq x y z
N ALA A 23 -0.33 22.19 3.88
CA ALA A 23 0.92 21.42 3.60
C ALA A 23 0.65 19.91 3.61
N VAL A 24 1.11 19.24 2.56
CA VAL A 24 1.05 17.78 2.51
C VAL A 24 2.46 17.22 2.44
N LYS A 25 2.61 15.96 2.81
CA LYS A 25 3.86 15.25 2.65
C LYS A 25 3.48 13.81 2.36
N ILE A 26 4.01 13.29 1.26
CA ILE A 26 3.55 12.00 0.74
C ILE A 26 4.58 10.92 1.01
N GLY A 27 4.21 9.95 1.86
CA GLY A 27 4.98 8.73 2.01
C GLY A 27 4.68 7.84 0.82
N ILE A 28 5.73 7.21 0.30
CA ILE A 28 5.59 6.26 -0.81
C ILE A 28 6.24 4.97 -0.36
N ILE A 29 5.46 3.91 -0.25
CA ILE A 29 6.04 2.60 0.05
C ILE A 29 6.07 1.81 -1.25
N GLY A 30 7.28 1.48 -1.69
CA GLY A 30 7.48 0.76 -2.94
C GLY A 30 7.54 -0.74 -2.76
N GLY A 31 6.73 -1.44 -3.55
CA GLY A 31 6.70 -2.90 -3.53
C GLY A 31 7.69 -3.56 -4.47
N THR A 32 7.44 -4.83 -4.78
CA THR A 32 8.33 -5.63 -5.62
C THR A 32 8.52 -4.96 -6.96
N GLY A 33 9.79 -4.72 -7.33
CA GLY A 33 10.14 -4.09 -8.59
C GLY A 33 9.61 -2.68 -8.80
N LEU A 34 9.03 -2.09 -7.75
CA LEU A 34 8.22 -0.85 -7.83
C LEU A 34 8.61 0.16 -6.75
N ASP A 35 9.90 0.12 -6.40
CA ASP A 35 10.47 0.86 -5.29
C ASP A 35 11.69 1.71 -5.75
N ASP A 36 11.51 2.40 -6.87
CA ASP A 36 12.59 3.11 -7.59
C ASP A 36 12.90 4.48 -6.97
N PRO A 37 14.10 4.62 -6.33
CA PRO A 37 14.48 5.90 -5.69
C PRO A 37 14.53 7.10 -6.64
N GLU A 38 14.84 6.85 -7.91
CA GLU A 38 15.00 7.89 -8.95
C GLU A 38 13.74 8.70 -9.25
N ILE A 39 12.59 8.26 -8.72
CA ILE A 39 11.34 9.01 -8.81
C ILE A 39 11.41 10.38 -8.12
N LEU A 40 12.26 10.49 -7.11
CA LEU A 40 12.40 11.72 -6.33
C LEU A 40 13.59 12.55 -6.78
N GLU A 41 13.37 13.86 -6.82
CA GLU A 41 14.44 14.85 -7.00
C GLU A 41 14.94 15.27 -5.64
N GLY A 42 16.20 15.71 -5.57
CA GLY A 42 16.76 16.25 -4.34
C GLY A 42 16.76 15.25 -3.19
N ARG A 43 17.24 14.04 -3.47
CA ARG A 43 17.20 12.88 -2.56
C ARG A 43 18.22 12.93 -1.44
N THR A 44 17.77 12.59 -0.24
CA THR A 44 18.63 12.44 0.94
C THR A 44 18.18 11.18 1.70
N GLU A 45 19.14 10.32 2.00
CA GLU A 45 18.93 9.09 2.77
C GLU A 45 18.89 9.41 4.26
N LYS A 46 17.91 8.84 4.97
CA LYS A 46 17.80 9.02 6.41
C LYS A 46 17.37 7.73 7.08
N TYR A 47 18.29 7.10 7.82
CA TYR A 47 17.95 5.93 8.63
C TYR A 47 17.32 6.41 9.94
N VAL A 48 16.22 5.76 10.31
CA VAL A 48 15.51 6.12 11.55
C VAL A 48 15.21 4.88 12.39
N ASP A 49 14.84 5.15 13.65
CA ASP A 49 14.40 4.12 14.61
CA ASP A 49 14.36 4.07 14.50
C ASP A 49 12.96 4.43 14.99
N THR A 50 12.23 3.43 15.44
CA THR A 50 10.88 3.64 15.95
C THR A 50 10.70 2.80 17.21
N PRO A 51 9.63 3.08 17.98
CA PRO A 51 9.35 2.23 19.16
C PRO A 51 9.04 0.77 18.80
N PHE A 52 8.78 0.49 17.52
CA PHE A 52 8.48 -0.85 17.04
C PHE A 52 9.65 -1.49 16.29
N GLY A 53 10.80 -0.83 16.35
CA GLY A 53 12.00 -1.30 15.68
C GLY A 53 12.32 -0.50 14.43
N LYS A 54 13.25 -1.03 13.65
CA LYS A 54 13.69 -0.33 12.45
C LYS A 54 12.76 -0.58 11.27
N PRO A 55 12.53 0.47 10.46
CA PRO A 55 11.82 0.29 9.18
C PRO A 55 12.60 -0.63 8.23
N SER A 56 11.97 -1.03 7.14
CA SER A 56 12.59 -1.95 6.17
C SER A 56 13.95 -1.46 5.66
N ASP A 57 14.09 -0.15 5.51
CA ASP A 57 15.32 0.46 5.01
C ASP A 57 15.31 1.94 5.36
N ALA A 58 16.34 2.64 4.93
CA ALA A 58 16.41 4.09 5.08
C ALA A 58 15.22 4.76 4.42
N LEU A 59 14.74 5.83 5.02
CA LEU A 59 13.79 6.72 4.34
C LEU A 59 14.56 7.51 3.29
N ILE A 60 13.94 7.70 2.13
CA ILE A 60 14.54 8.56 1.11
C ILE A 60 13.68 9.81 1.01
N LEU A 61 14.23 10.93 1.47
CA LEU A 61 13.54 12.21 1.44
C LEU A 61 13.79 12.87 0.10
N GLY A 62 12.76 13.44 -0.48
CA GLY A 62 12.93 14.15 -1.74
C GLY A 62 11.66 14.85 -2.15
N LYS A 63 11.60 15.26 -3.41
CA LYS A 63 10.46 16.00 -3.91
C LYS A 63 10.00 15.49 -5.27
N ILE A 64 8.70 15.65 -5.51
CA ILE A 64 8.12 15.52 -6.85
C ILE A 64 7.48 16.86 -7.10
N LYS A 65 8.02 17.58 -8.10
CA LYS A 65 7.72 19.00 -8.30
C LYS A 65 7.89 19.75 -6.96
N ASN A 66 6.87 20.42 -6.46
CA ASN A 66 7.00 21.17 -5.20
C ASN A 66 6.62 20.36 -3.94
N VAL A 67 6.34 19.06 -4.12
CA VAL A 67 5.74 18.26 -3.05
C VAL A 67 6.78 17.41 -2.32
N ASP A 68 6.83 17.57 -1.00
CA ASP A 68 7.71 16.77 -0.14
C ASP A 68 7.23 15.33 -0.11
N CYS A 69 8.17 14.42 -0.33
CA CYS A 69 7.90 12.98 -0.33
C CYS A 69 8.91 12.23 0.50
N VAL A 70 8.50 11.04 0.95
CA VAL A 70 9.37 10.16 1.72
C VAL A 70 9.18 8.75 1.17
N LEU A 71 10.21 8.21 0.54
CA LEU A 71 10.16 6.88 -0.08
C LEU A 71 10.76 5.81 0.81
N LEU A 72 10.11 4.65 0.86
CA LEU A 72 10.58 3.53 1.65
C LEU A 72 10.35 2.25 0.87
N ALA A 73 11.39 1.42 0.74
CA ALA A 73 11.28 0.11 0.07
C ALA A 73 10.68 -0.91 1.04
N ARG A 74 9.47 -1.41 0.74
CA ARG A 74 8.80 -2.35 1.65
C ARG A 74 9.67 -3.55 2.03
N HIS A 75 10.39 -4.10 1.05
CA HIS A 75 11.15 -5.33 1.25
C HIS A 75 12.63 -5.07 1.49
N GLY A 76 12.98 -3.81 1.71
CA GLY A 76 14.38 -3.36 1.69
C GLY A 76 14.81 -3.09 0.27
N ARG A 77 15.82 -2.24 0.08
CA ARG A 77 16.22 -1.88 -1.28
C ARG A 77 16.83 -3.05 -2.07
N GLN A 78 17.31 -4.08 -1.37
CA GLN A 78 17.78 -5.30 -2.02
C GLN A 78 16.78 -6.45 -2.02
N HIS A 79 15.54 -6.16 -1.61
CA HIS A 79 14.45 -7.15 -1.50
C HIS A 79 14.86 -8.39 -0.71
N THR A 80 15.18 -8.16 0.55
CA THR A 80 15.70 -9.18 1.45
C THR A 80 14.70 -9.60 2.52
N ILE A 81 13.57 -8.89 2.60
CA ILE A 81 12.61 -9.09 3.69
C ILE A 81 11.33 -9.68 3.13
N MET A 82 10.99 -10.89 3.59
CA MET A 82 9.79 -11.56 3.12
CA MET A 82 9.79 -11.61 3.18
C MET A 82 8.54 -10.88 3.71
N PRO A 83 7.38 -11.05 3.03
CA PRO A 83 6.19 -10.29 3.50
C PRO A 83 5.80 -10.51 4.97
N SER A 84 5.94 -11.73 5.48
CA SER A 84 5.64 -12.05 6.89
C SER A 84 6.53 -11.30 7.87
N LYS A 85 7.72 -10.93 7.41
CA LYS A 85 8.73 -10.34 8.29
C LYS A 85 8.87 -8.84 8.13
N VAL A 86 8.12 -8.25 7.20
CA VAL A 86 8.11 -6.79 7.05
C VAL A 86 7.60 -6.14 8.34
N ASN A 87 8.33 -5.13 8.81
CA ASN A 87 7.94 -4.42 10.02
C ASN A 87 6.94 -3.32 9.65
N TYR A 88 5.69 -3.73 9.44
CA TYR A 88 4.63 -2.81 9.04
C TYR A 88 4.44 -1.72 10.07
N GLN A 89 4.54 -2.05 11.36
CA GLN A 89 4.41 -1.05 12.42
C GLN A 89 5.50 0.02 12.33
N ALA A 90 6.75 -0.41 12.21
CA ALA A 90 7.87 0.53 12.11
C ALA A 90 7.78 1.37 10.84
N ASN A 91 7.37 0.75 9.73
CA ASN A 91 7.29 1.48 8.46
C ASN A 91 6.26 2.62 8.52
N ILE A 92 5.06 2.31 9.00
CA ILE A 92 4.03 3.33 9.15
C ILE A 92 4.39 4.35 10.23
N TRP A 93 4.94 3.90 11.35
CA TRP A 93 5.34 4.82 12.41
C TRP A 93 6.38 5.82 11.91
N ALA A 94 7.38 5.32 11.17
CA ALA A 94 8.45 6.16 10.65
C ALA A 94 7.92 7.23 9.69
N LEU A 95 7.02 6.82 8.80
CA LEU A 95 6.45 7.77 7.86
C LEU A 95 5.61 8.83 8.56
N LYS A 96 4.83 8.42 9.56
CA LYS A 96 4.06 9.37 10.35
C LYS A 96 4.98 10.35 11.09
N GLU A 97 6.04 9.84 11.72
CA GLU A 97 6.97 10.68 12.49
C GLU A 97 7.69 11.69 11.60
N GLU A 98 7.96 11.28 10.35
CA GLU A 98 8.61 12.17 9.38
C GLU A 98 7.67 13.28 8.90
N GLY A 99 6.38 13.17 9.23
CA GLY A 99 5.37 14.17 8.90
C GLY A 99 4.45 13.87 7.73
N CYS A 100 4.43 12.62 7.29
CA CYS A 100 3.56 12.24 6.17
C CYS A 100 2.08 12.37 6.50
N THR A 101 1.36 13.03 5.61
CA THR A 101 -0.10 13.19 5.68
C THR A 101 -0.80 12.09 4.85
N HIS A 102 -0.09 11.62 3.83
CA HIS A 102 -0.58 10.62 2.90
C HIS A 102 0.46 9.54 2.77
N VAL A 103 0.00 8.33 2.50
CA VAL A 103 0.87 7.24 2.10
C VAL A 103 0.25 6.60 0.86
N ILE A 104 0.98 6.64 -0.26
CA ILE A 104 0.56 5.99 -1.48
C ILE A 104 1.57 4.90 -1.75
N VAL A 105 1.09 3.67 -1.92
CA VAL A 105 1.98 2.53 -2.07
C VAL A 105 1.82 1.84 -3.42
N THR A 106 2.82 1.05 -3.77
CA THR A 106 2.69 0.14 -4.90
C THR A 106 2.71 -1.29 -4.39
N THR A 107 1.97 -2.16 -5.05
CA THR A 107 2.01 -3.58 -4.74
C THR A 107 1.81 -4.41 -6.00
N ALA A 108 2.71 -5.36 -6.21
CA ALA A 108 2.54 -6.39 -7.21
C ALA A 108 1.49 -7.37 -6.70
N CYS A 109 0.65 -7.86 -7.60
CA CYS A 109 -0.41 -8.75 -7.18
C CYS A 109 -0.85 -9.71 -8.28
N GLY A 110 -1.45 -10.81 -7.89
CA GLY A 110 -2.07 -11.71 -8.86
C GLY A 110 -3.47 -11.23 -9.17
N SER A 111 -3.89 -11.44 -10.40
CA SER A 111 -5.26 -11.18 -10.81
C SER A 111 -6.12 -12.42 -10.63
N LEU A 112 -7.29 -12.21 -10.00
CA LEU A 112 -8.30 -13.24 -9.82
C LEU A 112 -9.51 -13.04 -10.74
N ARG A 113 -9.35 -12.16 -11.74
CA ARG A 113 -10.47 -11.83 -12.64
C ARG A 113 -9.93 -11.74 -14.06
N GLU A 114 -10.61 -12.36 -15.02
CA GLU A 114 -10.15 -12.35 -16.40
C GLU A 114 -9.89 -10.94 -16.93
N GLU A 115 -10.74 -9.99 -16.57
CA GLU A 115 -10.64 -8.62 -17.10
C GLU A 115 -9.51 -7.81 -16.49
N ILE A 116 -8.94 -8.28 -15.38
CA ILE A 116 -7.74 -7.66 -14.81
C ILE A 116 -6.54 -8.38 -15.40
N GLN A 117 -5.94 -7.73 -16.41
CA GLN A 117 -4.86 -8.35 -17.15
C GLN A 117 -3.52 -7.98 -16.54
N PRO A 118 -2.50 -8.86 -16.64
CA PRO A 118 -1.17 -8.47 -16.18
C PRO A 118 -0.71 -7.16 -16.83
N GLY A 119 -0.20 -6.27 -16.00
CA GLY A 119 0.13 -4.90 -16.41
C GLY A 119 -0.94 -3.89 -16.05
N ASP A 120 -2.17 -4.35 -15.77
CA ASP A 120 -3.25 -3.44 -15.36
C ASP A 120 -2.98 -2.92 -13.96
N ILE A 121 -3.42 -1.69 -13.73
CA ILE A 121 -3.47 -1.11 -12.40
C ILE A 121 -4.86 -1.27 -11.80
N VAL A 122 -4.91 -1.57 -10.50
CA VAL A 122 -6.18 -1.67 -9.78
C VAL A 122 -6.10 -0.75 -8.58
N ILE A 123 -6.99 0.23 -8.51
CA ILE A 123 -7.02 1.16 -7.38
C ILE A 123 -7.95 0.57 -6.33
N ILE A 124 -7.38 -0.36 -5.56
CA ILE A 124 -8.16 -1.21 -4.65
C ILE A 124 -8.91 -0.40 -3.61
N ASP A 125 -10.10 -0.88 -3.25
CA ASP A 125 -10.93 -0.19 -2.26
C ASP A 125 -11.33 -1.07 -1.08
N GLN A 126 -11.04 -2.38 -1.14
CA GLN A 126 -11.36 -3.28 -0.03
C GLN A 126 -10.28 -4.32 0.11
N PHE A 127 -10.28 -5.03 1.23
CA PHE A 127 -9.40 -6.18 1.41
C PHE A 127 -10.12 -7.30 2.13
N ILE A 128 -9.56 -8.49 1.98
CA ILE A 128 -9.93 -9.65 2.80
C ILE A 128 -8.63 -10.15 3.40
N ASP A 129 -8.58 -10.25 4.73
CA ASP A 129 -7.35 -10.68 5.42
C ASP A 129 -7.26 -12.20 5.43
N ARG A 130 -6.14 -12.73 4.96
CA ARG A 130 -5.80 -14.15 5.15
C ARG A 130 -4.45 -14.29 5.86
N THR A 131 -3.96 -13.20 6.43
CA THR A 131 -2.69 -13.26 7.15
C THR A 131 -2.92 -13.85 8.53
N THR A 132 -1.85 -14.37 9.13
CA THR A 132 -1.97 -15.05 10.41
C THR A 132 -0.91 -14.68 11.43
N MET A 133 0.20 -14.10 10.97
CA MET A 133 1.40 -13.93 11.79
C MET A 133 1.68 -12.49 12.21
N ARG A 134 0.80 -11.57 11.86
CA ARG A 134 1.18 -10.17 11.89
C ARG A 134 0.45 -9.31 12.90
N PRO A 135 1.21 -8.55 13.73
CA PRO A 135 0.60 -7.51 14.57
C PRO A 135 -0.13 -6.49 13.69
N GLN A 136 -1.36 -6.13 14.05
CA GLN A 136 -2.16 -5.22 13.20
C GLN A 136 -2.50 -3.90 13.87
N SER A 137 -1.93 -3.67 15.05
CA SER A 137 -2.21 -2.47 15.81
C SER A 137 -0.95 -1.93 16.45
N PHE A 138 -0.91 -0.60 16.61
CA PHE A 138 0.12 0.03 17.45
C PHE A 138 -0.19 -0.14 18.94
N TYR A 139 -1.45 -0.41 19.24
CA TYR A 139 -1.95 -0.37 20.61
C TYR A 139 -1.96 -1.78 21.18
N ASP A 140 -0.77 -2.30 21.45
CA ASP A 140 -0.58 -3.68 21.91
C ASP A 140 -0.42 -3.82 23.43
N GLY A 141 -0.61 -2.71 24.15
CA GLY A 141 -0.48 -2.68 25.60
C GLY A 141 0.95 -2.73 26.10
N SER A 142 1.90 -2.61 25.17
CA SER A 142 3.34 -2.74 25.46
C SER A 142 4.17 -1.49 25.16
N HIS A 143 3.55 -0.49 24.53
CA HIS A 143 4.26 0.73 24.14
C HIS A 143 3.60 1.99 24.72
N SER A 144 4.39 2.77 25.48
CA SER A 144 3.91 4.00 26.11
C SER A 144 3.44 5.08 25.12
N CYS A 145 3.95 5.02 23.89
CA CYS A 145 3.62 5.94 22.79
C CYS A 145 2.23 5.71 22.18
N ALA A 146 1.65 4.53 22.44
CA ALA A 146 0.31 4.17 21.95
C ALA A 146 -0.44 3.44 23.06
N ARG A 147 -1.08 4.23 23.93
CA ARG A 147 -1.74 3.69 25.12
C ARG A 147 -3.21 3.42 24.89
N GLY A 148 -3.70 2.30 25.43
CA GLY A 148 -5.12 1.98 25.38
C GLY A 148 -5.43 0.82 24.45
N VAL A 149 -6.74 0.58 24.28
CA VAL A 149 -7.24 -0.46 23.37
C VAL A 149 -7.86 0.26 22.18
N CYS A 150 -7.37 -0.08 20.98
CA CYS A 150 -7.81 0.59 19.77
C CYS A 150 -8.56 -0.36 18.87
N HIS A 151 -9.80 0.00 18.56
CA HIS A 151 -10.61 -0.75 17.60
C HIS A 151 -10.87 0.15 16.40
N ILE A 152 -9.98 0.09 15.41
CA ILE A 152 -10.08 0.99 14.26
C ILE A 152 -11.15 0.54 13.26
N PRO A 153 -12.02 1.46 12.79
CA PRO A 153 -12.98 1.04 11.76
C PRO A 153 -12.31 0.76 10.43
N MET A 154 -12.78 -0.31 9.78
CA MET A 154 -12.25 -0.73 8.48
C MET A 154 -13.27 -0.78 7.35
N ALA A 155 -14.45 -0.17 7.55
CA ALA A 155 -15.49 -0.15 6.51
C ALA A 155 -14.98 0.44 5.18
N GLU A 156 -14.19 1.50 5.30
CA GLU A 156 -13.61 2.22 4.16
CA GLU A 156 -13.59 2.15 4.13
C GLU A 156 -12.09 2.26 4.40
N PRO A 157 -11.36 1.15 4.10
CA PRO A 157 -9.94 1.14 4.52
C PRO A 157 -9.04 2.11 3.77
N PHE A 158 -9.41 2.51 2.56
CA PHE A 158 -8.54 3.33 1.71
C PHE A 158 -9.14 4.72 1.55
N CYS A 159 -8.28 5.73 1.37
CA CYS A 159 -8.76 7.10 1.25
CA CYS A 159 -8.70 7.12 1.23
C CYS A 159 -9.47 7.33 -0.08
N PRO A 160 -10.79 7.62 -0.03
CA PRO A 160 -11.48 7.76 -1.33
C PRO A 160 -11.01 8.96 -2.16
N LYS A 161 -10.60 10.04 -1.51
CA LYS A 161 -10.17 11.23 -2.27
C LYS A 161 -8.85 10.98 -2.99
N THR A 162 -7.91 10.33 -2.31
CA THR A 162 -6.65 9.95 -2.95
C THR A 162 -6.90 8.94 -4.08
N ARG A 163 -7.75 7.96 -3.82
CA ARG A 163 -8.08 6.98 -4.85
C ARG A 163 -8.67 7.66 -6.10
N GLU A 164 -9.55 8.65 -5.89
CA GLU A 164 -10.18 9.36 -7.00
CA GLU A 164 -10.19 9.39 -6.98
C GLU A 164 -9.13 10.08 -7.85
N VAL A 165 -8.14 10.70 -7.20
CA VAL A 165 -7.07 11.38 -7.95
C VAL A 165 -6.24 10.36 -8.74
N LEU A 166 -5.94 9.20 -8.13
CA LEU A 166 -5.22 8.14 -8.85
C LEU A 166 -5.98 7.65 -10.07
N ILE A 167 -7.28 7.43 -9.91
CA ILE A 167 -8.15 6.97 -11.00
C ILE A 167 -8.19 7.99 -12.14
N GLU A 168 -8.41 9.26 -11.81
CA GLU A 168 -8.48 10.31 -12.82
CA GLU A 168 -8.46 10.36 -12.78
C GLU A 168 -7.13 10.49 -13.52
N THR A 169 -6.05 10.37 -12.77
CA THR A 169 -4.71 10.51 -13.34
C THR A 169 -4.37 9.34 -14.28
N ALA A 170 -4.74 8.12 -13.90
CA ALA A 170 -4.52 6.97 -14.75
C ALA A 170 -5.25 7.13 -16.09
N LYS A 171 -6.46 7.68 -16.04
CA LYS A 171 -7.24 7.98 -17.25
C LYS A 171 -6.52 9.02 -18.13
N LYS A 172 -6.04 10.09 -17.50
CA LYS A 172 -5.27 11.12 -18.22
C LYS A 172 -4.03 10.57 -18.90
N LEU A 173 -3.44 9.52 -18.32
CA LEU A 173 -2.25 8.85 -18.85
C LEU A 173 -2.58 7.75 -19.86
N GLY A 174 -3.87 7.44 -20.02
CA GLY A 174 -4.28 6.40 -20.94
C GLY A 174 -3.96 4.99 -20.49
N LEU A 175 -3.82 4.80 -19.18
CA LEU A 175 -3.46 3.49 -18.62
C LEU A 175 -4.67 2.63 -18.36
N ARG A 176 -4.55 1.33 -18.65
CA ARG A 176 -5.56 0.37 -18.24
C ARG A 176 -5.60 0.34 -16.71
N CYS A 177 -6.76 0.68 -16.17
CA CYS A 177 -6.91 0.92 -14.74
C CYS A 177 -8.32 0.56 -14.30
N HIS A 178 -8.41 -0.20 -13.21
CA HIS A 178 -9.69 -0.59 -12.63
C HIS A 178 -9.96 0.27 -11.41
N SER A 179 -11.18 0.83 -11.34
CA SER A 179 -11.55 1.85 -10.36
CA SER A 179 -11.50 1.86 -10.35
C SER A 179 -11.92 1.32 -8.98
N LYS A 180 -11.93 0.00 -8.83
CA LYS A 180 -12.21 -0.62 -7.53
C LYS A 180 -11.61 -2.02 -7.56
N GLY A 181 -11.56 -2.65 -6.39
CA GLY A 181 -11.15 -4.04 -6.33
C GLY A 181 -10.87 -4.46 -4.90
N THR A 182 -11.11 -5.74 -4.65
CA THR A 182 -10.86 -6.33 -3.32
C THR A 182 -9.59 -7.15 -3.35
N MET A 183 -8.64 -6.74 -2.51
CA MET A 183 -7.37 -7.45 -2.38
C MET A 183 -7.45 -8.50 -1.27
N VAL A 184 -7.22 -9.76 -1.59
CA VAL A 184 -6.99 -10.76 -0.54
C VAL A 184 -5.50 -10.79 -0.24
N THR A 185 -5.15 -10.61 1.04
CA THR A 185 -3.76 -10.67 1.47
C THR A 185 -3.51 -11.97 2.20
N ILE A 186 -2.65 -12.80 1.61
CA ILE A 186 -2.28 -14.10 2.18
C ILE A 186 -0.98 -13.97 2.97
N GLU A 187 -0.74 -14.90 3.90
CA GLU A 187 0.45 -14.81 4.74
C GLU A 187 1.72 -14.99 3.90
N GLY A 188 1.69 -15.98 3.02
CA GLY A 188 2.88 -16.36 2.27
C GLY A 188 3.92 -17.00 3.20
N PRO A 189 5.16 -17.12 2.74
CA PRO A 189 5.61 -16.61 1.45
C PRO A 189 5.25 -17.51 0.26
N ARG A 190 4.72 -18.71 0.50
CA ARG A 190 4.25 -19.55 -0.61
C ARG A 190 3.13 -18.84 -1.36
N PHE A 191 3.05 -19.14 -2.64
CA PHE A 191 1.83 -18.82 -3.38
C PHE A 191 0.66 -19.72 -2.97
N SER A 192 -0.54 -19.33 -3.38
CA SER A 192 -1.77 -20.09 -3.09
C SER A 192 -1.84 -21.40 -3.85
N SER A 193 -2.52 -22.38 -3.25
CA SER A 193 -2.89 -23.58 -4.01
C SER A 193 -3.99 -23.22 -5.01
N ARG A 194 -4.27 -24.10 -5.97
CA ARG A 194 -5.37 -23.86 -6.88
C ARG A 194 -6.72 -23.85 -6.16
N ALA A 195 -6.87 -24.75 -5.18
CA ALA A 195 -8.13 -24.76 -4.41
C ALA A 195 -8.33 -23.43 -3.67
N GLU A 196 -7.26 -22.88 -3.12
CA GLU A 196 -7.33 -21.58 -2.46
C GLU A 196 -7.67 -20.48 -3.46
N SER A 197 -6.99 -20.47 -4.60
CA SER A 197 -7.21 -19.45 -5.64
C SER A 197 -8.70 -19.44 -6.08
N PHE A 198 -9.25 -20.62 -6.37
CA PHE A 198 -10.69 -20.79 -6.69
C PHE A 198 -11.56 -20.23 -5.58
N MET A 199 -11.23 -20.58 -4.35
CA MET A 199 -12.02 -20.20 -3.18
C MET A 199 -12.05 -18.67 -3.02
N PHE A 200 -10.89 -18.03 -3.20
CA PHE A 200 -10.84 -16.58 -3.05
C PHE A 200 -11.73 -15.86 -4.06
N ARG A 201 -11.81 -16.42 -5.27
CA ARG A 201 -12.73 -15.91 -6.30
C ARG A 201 -14.17 -15.97 -5.81
N THR A 202 -14.57 -17.09 -5.20
CA THR A 202 -15.94 -17.22 -4.68
C THR A 202 -16.24 -16.24 -3.56
N TRP A 203 -15.21 -15.86 -2.79
CA TRP A 203 -15.35 -14.89 -1.72
C TRP A 203 -15.48 -13.44 -2.22
N GLY A 204 -15.22 -13.22 -3.50
CA GLY A 204 -15.31 -11.89 -4.11
C GLY A 204 -13.99 -11.13 -4.17
N ALA A 205 -12.87 -11.82 -3.92
CA ALA A 205 -11.57 -11.18 -4.09
C ALA A 205 -11.27 -11.01 -5.58
N ASP A 206 -10.62 -9.89 -5.91
CA ASP A 206 -10.28 -9.56 -7.29
C ASP A 206 -8.82 -9.65 -7.62
N VAL A 207 -7.98 -9.40 -6.61
CA VAL A 207 -6.53 -9.43 -6.73
C VAL A 207 -5.98 -10.04 -5.43
N ILE A 208 -4.76 -10.55 -5.50
CA ILE A 208 -4.14 -11.28 -4.39
C ILE A 208 -2.70 -10.85 -4.15
N ASN A 209 -2.34 -10.58 -2.91
CA ASN A 209 -0.97 -10.23 -2.58
C ASN A 209 -0.60 -10.71 -1.20
N MET A 210 0.55 -10.26 -0.69
CA MET A 210 1.00 -10.70 0.62
C MET A 210 1.27 -9.53 1.54
N THR A 211 0.91 -8.31 1.12
CA THR A 211 1.43 -7.12 1.80
C THR A 211 0.43 -6.02 2.17
N THR A 212 -0.81 -6.06 1.67
CA THR A 212 -1.75 -4.96 1.96
C THR A 212 -2.13 -4.91 3.43
N VAL A 213 -2.42 -6.07 4.02
CA VAL A 213 -2.74 -6.18 5.45
C VAL A 213 -1.44 -6.59 6.16
N PRO A 214 -1.00 -5.91 7.23
CA PRO A 214 -1.74 -4.87 7.96
C PRO A 214 -1.32 -3.44 7.66
N GLU A 215 -0.57 -3.25 6.57
CA GLU A 215 -0.12 -1.91 6.19
C GLU A 215 -1.27 -0.89 6.17
N VAL A 216 -2.37 -1.23 5.50
CA VAL A 216 -3.55 -0.36 5.43
C VAL A 216 -4.18 -0.09 6.80
N VAL A 217 -4.15 -1.10 7.67
CA VAL A 217 -4.77 -1.00 9.00
C VAL A 217 -3.99 -0.02 9.88
N LEU A 218 -2.67 -0.17 9.89
CA LEU A 218 -1.80 0.68 10.69
C LEU A 218 -1.81 2.13 10.19
N ALA A 219 -1.88 2.33 8.88
CA ALA A 219 -2.04 3.67 8.32
C ALA A 219 -3.30 4.36 8.84
N LYS A 220 -4.41 3.60 8.95
CA LYS A 220 -5.65 4.16 9.47
C LYS A 220 -5.51 4.54 10.95
N GLU A 221 -4.89 3.69 11.75
CA GLU A 221 -4.63 4.01 13.17
C GLU A 221 -3.78 5.26 13.31
N ALA A 222 -2.88 5.47 12.35
CA ALA A 222 -1.99 6.64 12.34
C ALA A 222 -2.68 7.92 11.84
N GLY A 223 -3.94 7.84 11.40
CA GLY A 223 -4.64 8.99 10.81
C GLY A 223 -4.06 9.47 9.49
N ILE A 224 -3.48 8.55 8.71
CA ILE A 224 -2.87 8.85 7.43
C ILE A 224 -3.83 8.47 6.32
N CYS A 225 -3.92 9.30 5.28
CA CYS A 225 -4.66 8.98 4.04
CA CYS A 225 -4.68 8.98 4.09
C CYS A 225 -3.88 7.97 3.26
N TYR A 226 -4.38 6.73 3.16
CA TYR A 226 -3.65 5.64 2.53
C TYR A 226 -4.35 5.19 1.25
N ALA A 227 -3.56 5.01 0.19
CA ALA A 227 -4.07 4.45 -1.05
C ALA A 227 -3.04 3.52 -1.66
N SER A 228 -3.50 2.57 -2.45
CA SER A 228 -2.65 1.54 -3.01
C SER A 228 -2.82 1.43 -4.52
N ILE A 229 -1.68 1.51 -5.21
CA ILE A 229 -1.60 1.23 -6.65
C ILE A 229 -1.22 -0.25 -6.79
N ALA A 230 -2.20 -1.09 -7.05
CA ALA A 230 -1.94 -2.51 -7.24
C ALA A 230 -1.67 -2.76 -8.72
N MET A 231 -0.57 -3.43 -9.01
CA MET A 231 -0.27 -3.78 -10.39
CA MET A 231 -0.19 -3.78 -10.39
C MET A 231 -0.33 -5.29 -10.55
N ALA A 232 -1.25 -5.74 -11.41
CA ALA A 232 -1.38 -7.17 -11.68
C ALA A 232 -0.14 -7.66 -12.41
N THR A 233 0.47 -8.72 -11.89
CA THR A 233 1.70 -9.26 -12.46
C THR A 233 1.54 -10.68 -13.02
N ASP A 234 0.38 -11.28 -12.79
CA ASP A 234 0.14 -12.70 -13.07
C ASP A 234 -1.35 -12.98 -12.87
N TYR A 235 -1.80 -14.17 -13.22
CA TYR A 235 -3.16 -14.60 -12.96
C TYR A 235 -3.21 -15.67 -11.85
N ASP A 236 -2.28 -15.60 -10.90
CA ASP A 236 -2.21 -16.60 -9.83
C ASP A 236 -2.23 -18.01 -10.44
N CYS A 237 -3.12 -18.90 -10.04
CA CYS A 237 -3.15 -20.23 -10.66
C CYS A 237 -4.53 -20.78 -10.98
N TRP A 238 -5.55 -19.92 -10.98
CA TRP A 238 -6.94 -20.36 -11.14
C TRP A 238 -7.34 -20.76 -12.57
N LYS A 239 -6.51 -20.38 -13.54
CA LYS A 239 -6.69 -20.94 -14.88
C LYS A 239 -5.76 -22.15 -15.03
N GLU A 240 -6.31 -23.33 -14.73
CA GLU A 240 -5.56 -24.60 -14.75
C GLU A 240 -4.94 -24.92 -16.12
N HIS A 241 -5.61 -24.48 -17.18
CA HIS A 241 -5.15 -24.59 -18.56
C HIS A 241 -3.97 -23.65 -18.91
N GLU A 242 -3.91 -22.50 -18.25
CA GLU A 242 -2.87 -21.47 -18.50
C GLU A 242 -1.68 -21.63 -17.55
N GLU A 243 -0.56 -20.97 -17.87
CA GLU A 243 0.65 -20.97 -17.03
C GLU A 243 0.39 -20.30 -15.68
N ALA A 244 0.90 -20.93 -14.63
CA ALA A 244 0.70 -20.45 -13.26
C ALA A 244 1.81 -19.49 -12.81
N VAL A 245 1.52 -18.69 -11.78
CA VAL A 245 2.47 -17.72 -11.22
C VAL A 245 3.79 -18.35 -10.78
N SER A 246 4.88 -17.61 -10.96
CA SER A 246 6.20 -17.91 -10.41
C SER A 246 6.93 -16.61 -10.16
N VAL A 247 7.99 -16.66 -9.37
CA VAL A 247 8.88 -15.51 -9.18
C VAL A 247 9.32 -14.92 -10.54
N ASP A 248 9.76 -15.78 -11.45
CA ASP A 248 10.28 -15.29 -12.73
C ASP A 248 9.21 -14.58 -13.56
N ARG A 249 7.99 -15.11 -13.53
CA ARG A 249 6.85 -14.55 -14.25
CA ARG A 249 6.87 -14.52 -14.28
C ARG A 249 6.51 -13.15 -13.69
N VAL A 250 6.50 -13.03 -12.38
CA VAL A 250 6.19 -11.75 -11.72
C VAL A 250 7.22 -10.67 -12.05
N LEU A 251 8.51 -11.02 -11.93
CA LEU A 251 9.60 -10.10 -12.21
C LEU A 251 9.59 -9.64 -13.66
N LYS A 252 9.28 -10.55 -14.57
CA LYS A 252 9.17 -10.22 -16.01
C LYS A 252 8.07 -9.18 -16.24
N THR A 253 6.90 -9.38 -15.65
CA THR A 253 5.78 -8.46 -15.87
C THR A 253 6.10 -7.09 -15.27
N LEU A 254 6.76 -7.08 -14.12
CA LEU A 254 7.18 -5.83 -13.51
C LEU A 254 8.22 -5.08 -14.35
N LYS A 255 9.18 -5.82 -14.91
CA LYS A 255 10.19 -5.19 -15.79
C LYS A 255 9.49 -4.47 -16.95
N GLU A 256 8.44 -5.09 -17.48
CA GLU A 256 7.72 -4.56 -18.63
C GLU A 256 6.78 -3.40 -18.29
N ASN A 257 6.30 -3.34 -17.04
CA ASN A 257 5.20 -2.45 -16.69
C ASN A 257 5.44 -1.44 -15.57
N ALA A 258 6.56 -1.56 -14.85
CA ALA A 258 6.86 -0.67 -13.70
C ALA A 258 6.82 0.82 -14.01
N ASN A 259 7.19 1.18 -15.25
CA ASN A 259 7.15 2.57 -15.69
C ASN A 259 5.77 3.20 -15.52
N LYS A 260 4.72 2.38 -15.61
CA LYS A 260 3.35 2.87 -15.51
C LYS A 260 3.06 3.37 -14.10
N ALA A 261 3.46 2.58 -13.10
CA ALA A 261 3.35 3.03 -11.71
C ALA A 261 4.18 4.28 -11.39
N LYS A 262 5.39 4.35 -11.94
CA LYS A 262 6.25 5.52 -11.78
C LYS A 262 5.56 6.77 -12.36
N SER A 263 5.07 6.66 -13.61
CA SER A 263 4.38 7.78 -14.24
C SER A 263 3.12 8.18 -13.47
N LEU A 264 2.38 7.19 -12.98
CA LEU A 264 1.17 7.46 -12.19
C LEU A 264 1.50 8.23 -10.91
N LEU A 265 2.53 7.79 -10.18
CA LEU A 265 2.96 8.52 -8.98
C LEU A 265 3.43 9.94 -9.30
N LEU A 266 4.26 10.06 -10.33
CA LEU A 266 4.82 11.35 -10.69
C LEU A 266 3.78 12.38 -11.09
N THR A 267 2.69 11.90 -11.71
CA THR A 267 1.63 12.77 -12.20
C THR A 267 0.55 13.01 -11.12
N THR A 268 0.31 12.01 -10.26
CA THR A 268 -0.70 12.12 -9.20
C THR A 268 -0.26 13.06 -8.08
N ILE A 269 1.00 12.92 -7.66
CA ILE A 269 1.46 13.60 -6.45
C ILE A 269 1.36 15.14 -6.51
N PRO A 270 1.74 15.76 -7.65
CA PRO A 270 1.52 17.22 -7.72
C PRO A 270 0.05 17.64 -7.62
N GLN A 271 -0.87 16.80 -8.09
CA GLN A 271 -2.30 17.08 -8.00
CA GLN A 271 -2.30 17.09 -7.99
C GLN A 271 -2.77 17.01 -6.55
N ILE A 272 -2.21 16.06 -5.80
CA ILE A 272 -2.51 15.94 -4.36
C ILE A 272 -2.02 17.21 -3.65
N GLY A 273 -0.82 17.66 -3.99
CA GLY A 273 -0.25 18.89 -3.44
C GLY A 273 -1.06 20.15 -3.68
N SER A 274 -1.81 20.18 -4.78
CA SER A 274 -2.53 21.38 -5.23
C SER A 274 -3.96 21.52 -4.68
N THR A 275 -4.43 20.51 -3.95
CA THR A 275 -5.79 20.51 -3.41
C THR A 275 -5.79 20.59 -1.88
N GLU A 276 -6.95 20.89 -1.31
CA GLU A 276 -7.09 21.11 0.13
C GLU A 276 -7.48 19.82 0.86
N TRP A 277 -6.73 19.53 1.92
CA TRP A 277 -6.86 18.26 2.65
C TRP A 277 -7.27 18.39 4.12
N SER A 278 -7.38 19.62 4.64
CA SER A 278 -7.57 19.84 6.08
C SER A 278 -8.77 19.10 6.67
N GLU A 279 -9.91 19.17 5.99
CA GLU A 279 -11.14 18.51 6.44
C GLU A 279 -10.98 16.98 6.43
N THR A 280 -10.43 16.46 5.34
CA THR A 280 -10.18 15.02 5.18
C THR A 280 -9.26 14.52 6.29
N LEU A 281 -8.17 15.23 6.52
CA LEU A 281 -7.20 14.83 7.55
C LEU A 281 -7.76 14.97 8.96
N HIS A 282 -8.56 16.01 9.20
CA HIS A 282 -9.23 16.20 10.48
C HIS A 282 -10.19 15.03 10.79
N ASN A 283 -10.98 14.62 9.79
CA ASN A 283 -11.90 13.50 9.95
C ASN A 283 -11.18 12.19 10.23
N LEU A 284 -10.06 11.95 9.54
CA LEU A 284 -9.25 10.76 9.78
C LEU A 284 -8.61 10.77 11.17
N LYS A 285 -8.13 11.94 11.60
CA LYS A 285 -7.57 12.12 12.93
C LYS A 285 -8.62 11.82 14.00
N ASN A 286 -9.83 12.34 13.80
CA ASN A 286 -10.92 12.10 14.74
C ASN A 286 -11.29 10.63 14.82
N MET A 287 -11.40 9.97 13.66
CA MET A 287 -11.74 8.54 13.63
C MET A 287 -10.69 7.71 14.38
N ALA A 288 -9.42 8.01 14.16
CA ALA A 288 -8.33 7.34 14.86
C ALA A 288 -8.37 7.59 16.37
N GLN A 289 -8.52 8.86 16.76
CA GLN A 289 -8.53 9.22 18.17
C GLN A 289 -9.72 8.59 18.92
N PHE A 290 -10.88 8.62 18.30
CA PHE A 290 -12.11 8.12 18.95
C PHE A 290 -12.18 6.59 18.96
N SER A 291 -11.25 5.93 18.27
CA SER A 291 -11.18 4.46 18.26
CA SER A 291 -11.18 4.47 18.25
C SER A 291 -10.43 3.91 19.45
N VAL A 292 -9.83 4.81 20.25
CA VAL A 292 -8.99 4.38 21.37
C VAL A 292 -9.75 4.47 22.69
N LEU A 293 -9.86 3.33 23.36
CA LEU A 293 -10.43 3.28 24.70
CA LEU A 293 -10.43 3.21 24.71
C LEU A 293 -9.32 3.37 25.74
N LEU A 294 -9.40 4.41 26.57
CA LEU A 294 -8.45 4.61 27.66
C LEU A 294 -9.06 4.08 28.98
N PRO A 295 -8.22 3.71 29.98
CA PRO A 295 -8.74 3.14 31.23
C PRO A 295 -9.69 4.07 32.00
O3' 7A6 B . 5.36 -9.75 -1.81
C3' 7A6 B . 4.72 -10.74 -2.63
C4' 7A6 B . 5.43 -10.84 -3.96
C5' 7A6 B . 5.44 -12.28 -4.45
S5' 7A6 B . 5.76 -12.36 -6.20
CS 7A6 B . 7.42 -12.85 -6.39
C2' 7A6 B . 3.26 -10.38 -2.96
O2' 7A6 B . 2.74 -9.28 -2.18
C1' 7A6 B . 3.21 -10.05 -4.47
N4' 7A6 B . 4.64 -9.93 -4.85
C9 7A6 B . 2.46 -10.99 -5.36
C4 7A6 B . 1.58 -12.10 -4.98
C5 7A6 B . 1.14 -12.64 -6.26
N7 7A6 B . 1.70 -11.92 -7.27
C8 7A6 B . 2.50 -10.94 -6.75
N3 7A6 B . 1.20 -12.59 -3.80
C2 7A6 B . 0.37 -13.65 -3.79
N1 7A6 B . -0.09 -14.22 -4.93
C6 7A6 B . 0.23 -13.79 -6.17
N6 7A6 B . -0.27 -14.40 -7.28
C1 7A6 B . 8.31 -11.67 -6.05
C3 7A6 B . 9.43 -11.65 -7.06
P PO4 C . 4.60 -6.37 -3.07
O1 PO4 C . 3.18 -6.63 -2.62
O2 PO4 C . 4.68 -5.41 -4.22
O3 PO4 C . 5.37 -5.75 -1.88
O4 PO4 C . 5.29 -7.65 -3.42
C1 GOL D . 22.31 -0.37 15.28
O1 GOL D . 22.05 0.62 14.28
C2 GOL D . 21.67 0.14 16.57
O2 GOL D . 20.24 0.14 16.41
C3 GOL D . 22.06 -0.78 17.71
O3 GOL D . 23.43 -0.52 18.02
NA NA E . -0.28 -16.80 14.49
CL CL F . -9.97 -18.06 6.79
#